data_5WVZ
#
_entry.id   5WVZ
#
_cell.length_a   78.791
_cell.length_b   79.139
_cell.length_c   105.205
_cell.angle_alpha   90.00
_cell.angle_beta   90.00
_cell.angle_gamma   90.00
#
_symmetry.space_group_name_H-M   'C 2 2 21'
#
loop_
_entity.id
_entity.type
_entity.pdbx_description
1 polymer 'Chromatin protein Cren7'
2 polymer "DNA (5'-D(*GP*CP*GP*AP*TP*CP*GP*C)-3')"
3 water water
#
loop_
_entity_poly.entity_id
_entity_poly.type
_entity_poly.pdbx_seq_one_letter_code
_entity_poly.pdbx_strand_id
1 'polypeptide(L)' MSSGKKPVKVKTPAGKEAELVPEKVWAFAPKGRKGVKIGLFKDPETGKYFRHKLPDDYPI A,B
2 'polydeoxyribonucleotide' (DG)(DC)(DG)(DA)(DT)(DC)(DG)(DC) C,D,E,F
#
# COMPACT_ATOMS: atom_id res chain seq x y z
N SER A 2 2.11 -2.73 -7.25
CA SER A 2 2.26 -2.31 -5.86
C SER A 2 2.34 -3.52 -4.93
N SER A 3 3.22 -3.46 -3.93
CA SER A 3 3.30 -4.49 -2.90
C SER A 3 2.18 -4.32 -1.89
N GLY A 4 1.90 -5.39 -1.16
CA GLY A 4 0.90 -5.37 -0.12
C GLY A 4 1.57 -5.34 1.25
N LYS A 5 0.74 -5.22 2.27
CA LYS A 5 1.31 -5.43 3.59
C LYS A 5 0.34 -6.19 4.47
N LYS A 6 -0.95 -6.01 4.25
CA LYS A 6 -1.81 -6.80 5.11
C LYS A 6 -1.91 -8.24 4.62
N PRO A 7 -1.81 -9.22 5.50
CA PRO A 7 -1.99 -10.62 5.10
C PRO A 7 -3.42 -10.89 4.65
N VAL A 8 -3.57 -11.93 3.85
CA VAL A 8 -4.86 -12.31 3.29
C VAL A 8 -5.09 -13.79 3.53
N LYS A 9 -6.30 -14.14 3.92
CA LYS A 9 -6.64 -15.54 4.15
C LYS A 9 -6.95 -16.16 2.78
N VAL A 10 -6.25 -17.25 2.45
CA VAL A 10 -6.28 -17.80 1.10
C VAL A 10 -6.06 -19.30 1.21
N LYS A 11 -6.46 -20.02 0.18
CA LYS A 11 -6.19 -21.45 0.10
C LYS A 11 -5.07 -21.67 -0.90
N THR A 12 -3.93 -22.21 -0.43
CA THR A 12 -2.76 -22.42 -1.30
C THR A 12 -3.07 -23.45 -2.39
N PRO A 13 -2.23 -23.59 -3.41
CA PRO A 13 -2.39 -24.74 -4.31
C PRO A 13 -2.31 -26.08 -3.59
N ALA A 14 -1.47 -26.18 -2.56
CA ALA A 14 -1.34 -27.39 -1.77
C ALA A 14 -2.57 -27.70 -0.91
N GLY A 15 -3.61 -26.86 -0.89
CA GLY A 15 -4.82 -27.11 -0.15
C GLY A 15 -4.89 -26.45 1.22
N LYS A 16 -3.73 -26.18 1.83
CA LYS A 16 -3.68 -25.62 3.17
C LYS A 16 -4.19 -24.18 3.20
N GLU A 17 -4.96 -23.84 4.24
CA GLU A 17 -5.30 -22.45 4.47
C GLU A 17 -4.10 -21.72 5.03
N ALA A 18 -4.01 -20.42 4.76
CA ALA A 18 -2.83 -19.69 5.17
C ALA A 18 -3.11 -18.19 5.15
N GLU A 19 -2.22 -17.46 5.82
CA GLU A 19 -2.29 -16.01 5.90
C GLU A 19 -1.01 -15.48 5.29
N LEU A 20 -1.15 -14.81 4.15
CA LEU A 20 0.00 -14.49 3.31
C LEU A 20 -0.07 -13.03 2.87
N VAL A 21 1.11 -12.41 2.82
CA VAL A 21 1.23 -11.06 2.29
C VAL A 21 1.49 -11.17 0.80
N PRO A 22 0.61 -10.66 -0.06
CA PRO A 22 0.86 -10.73 -1.49
C PRO A 22 2.08 -9.90 -1.87
N GLU A 23 2.80 -10.38 -2.88
CA GLU A 23 3.96 -9.65 -3.38
C GLU A 23 3.56 -8.49 -4.28
N LYS A 24 2.46 -8.63 -5.00
CA LYS A 24 1.93 -7.57 -5.86
C LYS A 24 0.41 -7.62 -5.78
N VAL A 25 -0.22 -6.46 -5.95
CA VAL A 25 -1.66 -6.33 -5.95
C VAL A 25 -2.06 -5.31 -7.02
N TRP A 26 -3.23 -5.53 -7.62
CA TRP A 26 -3.73 -4.65 -8.66
C TRP A 26 -5.22 -4.88 -8.87
N ALA A 27 -5.85 -3.89 -9.48
CA ALA A 27 -7.25 -3.98 -9.86
C ALA A 27 -7.36 -4.62 -11.24
N PHE A 28 -8.39 -5.41 -11.42
CA PHE A 28 -8.56 -6.25 -12.60
C PHE A 28 -10.03 -6.12 -13.00
N ALA A 29 -10.33 -5.13 -13.86
CA ALA A 29 -11.70 -4.83 -14.18
C ALA A 29 -11.85 -4.29 -15.59
N PRO A 30 -12.91 -4.64 -16.29
CA PRO A 30 -13.17 -4.08 -17.62
C PRO A 30 -13.80 -2.70 -17.48
N LYS A 31 -13.99 -2.05 -18.62
CA LYS A 31 -14.63 -0.75 -18.60
C LYS A 31 -16.09 -0.94 -18.25
N GLY A 32 -16.56 -0.15 -17.28
CA GLY A 32 -17.96 -0.14 -16.93
C GLY A 32 -18.36 -1.11 -15.85
N ARG A 33 -17.46 -2.00 -15.41
CA ARG A 33 -17.77 -3.01 -14.41
C ARG A 33 -16.77 -2.89 -13.26
N LYS A 34 -17.17 -3.35 -12.07
CA LYS A 34 -16.32 -3.18 -10.89
C LYS A 34 -15.12 -4.15 -10.90
N GLY A 35 -15.30 -5.33 -11.46
CA GLY A 35 -14.24 -6.34 -11.44
C GLY A 35 -13.82 -6.71 -10.04
N VAL A 36 -12.55 -7.13 -9.91
CA VAL A 36 -12.02 -7.64 -8.65
C VAL A 36 -10.60 -7.11 -8.47
N LYS A 37 -10.10 -7.27 -7.25
CA LYS A 37 -8.69 -7.06 -6.94
C LYS A 37 -7.96 -8.40 -6.88
N ILE A 38 -6.77 -8.43 -7.45
CA ILE A 38 -5.98 -9.66 -7.56
C ILE A 38 -4.66 -9.47 -6.81
N GLY A 39 -4.25 -10.51 -6.10
CA GLY A 39 -2.96 -10.54 -5.46
C GLY A 39 -2.10 -11.67 -5.99
N LEU A 40 -0.81 -11.43 -6.05
CA LEU A 40 0.17 -12.45 -6.43
C LEU A 40 0.83 -12.96 -5.16
N PHE A 41 0.62 -14.23 -4.86
CA PHE A 41 1.13 -14.85 -3.64
C PHE A 41 2.18 -15.90 -3.99
N LYS A 42 3.03 -16.20 -3.01
CA LYS A 42 4.00 -17.29 -3.10
C LYS A 42 3.78 -18.24 -1.93
N ASP A 43 3.32 -19.47 -2.23
CA ASP A 43 3.17 -20.54 -1.25
C ASP A 43 4.52 -20.83 -0.60
N PRO A 44 4.68 -20.56 0.69
CA PRO A 44 6.02 -20.69 1.28
C PRO A 44 6.49 -22.14 1.35
N GLU A 45 5.58 -23.12 1.46
CA GLU A 45 6.03 -24.51 1.49
C GLU A 45 6.57 -24.94 0.13
N THR A 46 5.75 -24.83 -0.92
CA THR A 46 6.19 -25.28 -2.24
C THR A 46 7.04 -24.25 -2.98
N GLY A 47 7.00 -22.99 -2.59
CA GLY A 47 7.71 -21.97 -3.33
C GLY A 47 7.05 -21.54 -4.63
N LYS A 48 5.89 -22.11 -4.95
CA LYS A 48 5.18 -21.78 -6.17
C LYS A 48 4.36 -20.50 -6.03
N TYR A 49 4.27 -19.75 -7.12
CA TYR A 49 3.44 -18.56 -7.15
C TYR A 49 2.01 -18.89 -7.58
N PHE A 50 1.06 -18.11 -7.09
CA PHE A 50 -0.33 -18.27 -7.49
C PHE A 50 -1.07 -16.96 -7.24
N ARG A 51 -2.16 -16.78 -7.96
CA ARG A 51 -2.99 -15.60 -7.84
C ARG A 51 -4.27 -15.93 -7.09
N HIS A 52 -4.81 -14.93 -6.40
CA HIS A 52 -6.01 -15.10 -5.59
C HIS A 52 -6.73 -13.76 -5.45
N LYS A 53 -8.06 -13.83 -5.37
CA LYS A 53 -8.86 -12.62 -5.15
C LYS A 53 -8.58 -11.99 -3.77
N LEU A 54 -8.44 -10.67 -3.77
CA LEU A 54 -8.32 -9.94 -2.51
C LEU A 54 -9.69 -9.45 -2.05
N PRO A 55 -9.85 -9.17 -0.77
CA PRO A 55 -11.11 -8.59 -0.30
C PRO A 55 -11.35 -7.24 -0.94
N ASP A 56 -12.63 -6.90 -1.14
CA ASP A 56 -12.99 -5.71 -1.88
C ASP A 56 -12.43 -4.43 -1.27
N ASP A 57 -12.16 -4.40 0.03
CA ASP A 57 -11.64 -3.22 0.68
C ASP A 57 -10.11 -3.22 0.83
N TYR A 58 -9.42 -4.17 0.20
CA TYR A 58 -7.97 -4.23 0.35
C TYR A 58 -7.31 -3.08 -0.41
N PRO A 59 -6.33 -2.39 0.18
CA PRO A 59 -5.75 -1.19 -0.44
C PRO A 59 -4.81 -1.52 -1.58
N ILE A 60 -5.12 -1.01 -2.79
CA ILE A 60 -4.25 -1.18 -3.95
C ILE A 60 -3.16 -0.12 -3.98
N SER B 2 0.05 23.01 2.16
CA SER B 2 1.41 23.52 2.27
C SER B 2 2.41 22.48 1.76
N SER B 3 3.41 22.94 1.03
CA SER B 3 4.49 22.06 0.59
C SER B 3 5.47 21.80 1.73
N GLY B 4 6.24 20.74 1.58
CA GLY B 4 7.26 20.37 2.54
C GLY B 4 8.63 20.73 2.00
N LYS B 5 9.64 20.52 2.84
CA LYS B 5 11.00 20.60 2.37
C LYS B 5 11.90 19.53 2.95
N LYS B 6 11.67 19.08 4.16
CA LYS B 6 12.55 18.02 4.61
C LYS B 6 12.09 16.69 4.04
N PRO B 7 13.00 15.85 3.55
CA PRO B 7 12.60 14.51 3.09
C PRO B 7 12.13 13.65 4.25
N VAL B 8 11.35 12.62 3.90
CA VAL B 8 10.74 11.73 4.88
C VAL B 8 11.05 10.29 4.49
N LYS B 9 11.29 9.46 5.50
CA LYS B 9 11.60 8.06 5.26
C LYS B 9 10.29 7.33 5.02
N VAL B 10 10.17 6.65 3.87
CA VAL B 10 8.89 6.06 3.46
C VAL B 10 9.16 4.85 2.61
N LYS B 11 8.19 3.94 2.59
CA LYS B 11 8.16 2.80 1.69
C LYS B 11 7.19 3.10 0.56
N THR B 12 7.71 3.15 -0.67
CA THR B 12 6.89 3.43 -1.84
C THR B 12 5.88 2.32 -2.09
N PRO B 13 4.89 2.54 -2.96
CA PRO B 13 4.05 1.42 -3.39
C PRO B 13 4.85 0.29 -4.01
N ALA B 14 5.92 0.61 -4.74
CA ALA B 14 6.79 -0.38 -5.35
C ALA B 14 7.61 -1.19 -4.34
N GLY B 15 7.51 -0.90 -3.04
CA GLY B 15 8.21 -1.65 -2.02
C GLY B 15 9.52 -1.05 -1.54
N LYS B 16 10.19 -0.26 -2.39
CA LYS B 16 11.50 0.29 -2.06
C LYS B 16 11.42 1.40 -1.00
N GLU B 17 12.39 1.41 -0.09
CA GLU B 17 12.57 2.53 0.82
C GLU B 17 13.16 3.73 0.07
N ALA B 18 12.83 4.92 0.56
CA ALA B 18 13.24 6.12 -0.17
C ALA B 18 13.13 7.32 0.75
N GLU B 19 13.79 8.40 0.33
CA GLU B 19 13.78 9.67 1.05
C GLU B 19 13.18 10.70 0.11
N LEU B 20 12.00 11.20 0.45
CA LEU B 20 11.17 11.94 -0.49
C LEU B 20 10.64 13.21 0.16
N VAL B 21 10.57 14.26 -0.64
CA VAL B 21 9.96 15.52 -0.24
C VAL B 21 8.48 15.44 -0.55
N PRO B 22 7.59 15.50 0.45
CA PRO B 22 6.16 15.51 0.15
C PRO B 22 5.79 16.76 -0.60
N GLU B 23 4.83 16.62 -1.52
CA GLU B 23 4.37 17.79 -2.26
C GLU B 23 3.40 18.64 -1.47
N LYS B 24 2.62 18.01 -0.59
CA LYS B 24 1.69 18.70 0.29
C LYS B 24 1.71 17.97 1.62
N VAL B 25 1.43 18.71 2.69
CA VAL B 25 1.37 18.13 4.03
C VAL B 25 0.22 18.80 4.78
N TRP B 26 -0.41 18.05 5.67
CA TRP B 26 -1.52 18.59 6.44
C TRP B 26 -1.78 17.72 7.65
N ALA B 27 -2.47 18.32 8.61
CA ALA B 27 -2.90 17.62 9.81
C ALA B 27 -4.26 16.96 9.55
N PHE B 28 -4.42 15.78 10.11
CA PHE B 28 -5.57 14.93 9.81
C PHE B 28 -6.02 14.37 11.15
N ALA B 29 -6.95 15.10 11.80
CA ALA B 29 -7.35 14.76 13.16
C ALA B 29 -8.79 15.14 13.41
N PRO B 30 -9.51 14.34 14.18
CA PRO B 30 -10.88 14.70 14.58
C PRO B 30 -10.83 15.64 15.77
N LYS B 31 -12.00 16.11 16.16
CA LYS B 31 -12.08 16.99 17.31
C LYS B 31 -11.77 16.19 18.57
N GLY B 32 -10.89 16.71 19.40
CA GLY B 32 -10.60 16.11 20.69
C GLY B 32 -9.48 15.10 20.71
N ARG B 33 -8.94 14.73 19.54
CA ARG B 33 -7.91 13.70 19.41
C ARG B 33 -6.74 14.27 18.61
N LYS B 34 -5.54 13.72 18.81
CA LYS B 34 -4.36 14.30 18.17
C LYS B 34 -4.30 13.97 16.68
N GLY B 35 -4.76 12.79 16.29
CA GLY B 35 -4.66 12.36 14.92
C GLY B 35 -3.22 12.26 14.46
N VAL B 36 -3.00 12.46 13.16
CA VAL B 36 -1.69 12.30 12.55
C VAL B 36 -1.48 13.37 11.50
N LYS B 37 -0.24 13.50 11.07
CA LYS B 37 0.12 14.32 9.91
C LYS B 37 0.28 13.44 8.67
N ILE B 38 -0.24 13.94 7.54
CA ILE B 38 -0.24 13.20 6.30
C ILE B 38 0.55 13.98 5.26
N GLY B 39 1.34 13.27 4.47
CA GLY B 39 2.05 13.86 3.35
C GLY B 39 1.61 13.21 2.05
N LEU B 40 1.64 14.00 0.98
CA LEU B 40 1.37 13.51 -0.36
C LEU B 40 2.70 13.39 -1.09
N PHE B 41 3.07 12.16 -1.44
CA PHE B 41 4.35 11.88 -2.09
C PHE B 41 4.11 11.38 -3.51
N LYS B 42 5.14 11.52 -4.35
CA LYS B 42 5.15 10.96 -5.69
C LYS B 42 6.35 10.04 -5.84
N ASP B 43 6.08 8.74 -6.00
CA ASP B 43 7.11 7.74 -6.27
C ASP B 43 7.84 8.12 -7.55
N PRO B 44 9.13 8.45 -7.50
CA PRO B 44 9.79 8.99 -8.69
C PRO B 44 9.94 7.98 -9.81
N GLU B 45 10.09 6.69 -9.50
CA GLU B 45 10.21 5.70 -10.57
C GLU B 45 8.87 5.45 -11.26
N THR B 46 7.82 5.10 -10.49
CA THR B 46 6.54 4.79 -11.11
C THR B 46 5.76 6.04 -11.49
N GLY B 47 6.08 7.19 -10.91
CA GLY B 47 5.32 8.39 -11.14
C GLY B 47 3.98 8.45 -10.44
N LYS B 48 3.62 7.40 -9.69
CA LYS B 48 2.35 7.35 -9.00
C LYS B 48 2.41 8.13 -7.68
N TYR B 49 1.27 8.72 -7.33
CA TYR B 49 1.15 9.42 -6.05
C TYR B 49 0.68 8.49 -4.95
N PHE B 50 1.07 8.80 -3.72
CA PHE B 50 0.62 8.03 -2.58
C PHE B 50 0.76 8.88 -1.32
N ARG B 51 -0.01 8.54 -0.31
CA ARG B 51 -0.01 9.21 0.97
C ARG B 51 0.70 8.36 2.03
N HIS B 52 1.31 9.03 3.00
CA HIS B 52 2.07 8.37 4.05
C HIS B 52 2.10 9.25 5.30
N LYS B 53 2.10 8.59 6.46
CA LYS B 53 2.20 9.33 7.72
C LYS B 53 3.54 10.06 7.84
N LEU B 54 3.48 11.31 8.32
CA LEU B 54 4.68 12.07 8.62
C LEU B 54 5.06 11.92 10.09
N PRO B 55 6.32 12.16 10.43
CA PRO B 55 6.71 12.12 11.84
C PRO B 55 5.95 13.20 12.61
N ASP B 56 5.70 12.90 13.89
CA ASP B 56 4.86 13.78 14.71
C ASP B 56 5.41 15.20 14.80
N ASP B 57 6.72 15.38 14.66
CA ASP B 57 7.33 16.69 14.77
C ASP B 57 7.56 17.38 13.41
N TYR B 58 7.03 16.82 12.32
CA TYR B 58 7.23 17.42 11.01
C TYR B 58 6.44 18.72 10.88
N PRO B 59 7.04 19.78 10.33
CA PRO B 59 6.37 21.10 10.30
C PRO B 59 5.30 21.19 9.22
N ILE B 60 4.07 21.46 9.62
CA ILE B 60 2.96 21.68 8.70
C ILE B 60 2.95 23.12 8.23
#